data_4HO4
#
_entry.id   4HO4
#
_cell.length_a   114.240
_cell.length_b   90.810
_cell.length_c   87.754
_cell.angle_alpha   90.00
_cell.angle_beta   125.05
_cell.angle_gamma   90.00
#
_symmetry.space_group_name_H-M   'C 1 2 1'
#
loop_
_entity.id
_entity.type
_entity.pdbx_description
1 polymer 'Glucose-1-phosphate thymidylyltransferase'
2 non-polymer 1-O-phosphono-alpha-D-glucopyranose
3 non-polymer THYMIDINE
4 non-polymer 'SULFATE ION'
5 water water
#
_entity_poly.entity_id   1
_entity_poly.type   'polypeptide(L)'
_entity_poly.pdbx_seq_one_letter_code
;MKGIILSGGSGTRLYPLTKVVSKQLLPVYDKPMVYYPLSVLMLAGIKDILIISTPEDTPRFEQLLGGGSELGISLSYAVQ
SSPDGLAQAFIIGEEFIGDDNVALVLGDNIFYGHGFTELLQRAANRKSGATIFGYNVKDPQRFGVVEFDEKGKVISIEEK
PEEPKSSYAVTGLYFYDNRVVDIAKNITPSARGELEITDVNKAYLELGELHVELLGRGFAWLDTGTHESLLQASQFIETI
EKRQSLKVACLEEIAYRMGYISREQLIKLAEPLMKNEYGQYLMNLAHRSKDLVTVEG
;
_entity_poly.pdbx_strand_id   A,B
#
# COMPACT_ATOMS: atom_id res chain seq x y z
N MET A 1 13.49 -6.69 -22.98
CA MET A 1 14.20 -7.16 -21.77
C MET A 1 13.60 -8.50 -21.39
N LYS A 2 14.42 -9.31 -20.79
CA LYS A 2 13.94 -10.61 -20.43
C LYS A 2 13.84 -10.63 -18.94
N GLY A 3 13.22 -11.68 -18.42
CA GLY A 3 13.12 -11.82 -16.98
C GLY A 3 13.33 -13.23 -16.56
N ILE A 4 13.79 -13.38 -15.34
CA ILE A 4 13.95 -14.71 -14.72
C ILE A 4 13.22 -14.73 -13.39
N ILE A 5 12.46 -15.80 -13.15
CA ILE A 5 11.94 -16.06 -11.76
C ILE A 5 12.76 -17.18 -11.17
N LEU A 6 13.45 -16.92 -10.08
CA LEU A 6 14.15 -18.01 -9.34
C LEU A 6 13.15 -18.60 -8.37
N SER A 7 12.74 -19.84 -8.65
CA SER A 7 11.58 -20.46 -8.05
C SER A 7 11.91 -21.88 -7.62
N GLY A 8 13.15 -22.06 -7.20
CA GLY A 8 13.63 -23.33 -6.54
C GLY A 8 13.79 -23.21 -5.04
N GLY A 9 14.88 -23.78 -4.54
CA GLY A 9 15.26 -23.72 -3.12
C GLY A 9 14.69 -24.92 -2.36
N SER A 10 15.19 -25.11 -1.14
CA SER A 10 14.75 -26.25 -0.31
C SER A 10 13.43 -25.96 0.45
N GLY A 11 13.20 -24.69 0.74
CA GLY A 11 12.09 -24.34 1.65
C GLY A 11 12.14 -25.08 2.96
N THR A 12 13.34 -25.25 3.52
CA THR A 12 13.53 -26.09 4.72
C THR A 12 12.68 -25.60 5.90
N ARG A 13 12.60 -24.26 6.04
CA ARG A 13 11.87 -23.71 7.15
C ARG A 13 10.41 -24.02 7.10
N LEU A 14 9.89 -24.29 5.89
CA LEU A 14 8.44 -24.54 5.77
C LEU A 14 8.08 -26.01 5.88
N TYR A 15 9.06 -26.87 6.21
CA TYR A 15 8.73 -28.28 6.40
C TYR A 15 7.58 -28.43 7.45
N PRO A 16 6.64 -29.38 7.21
CA PRO A 16 6.52 -30.34 6.13
C PRO A 16 5.75 -29.88 4.89
N LEU A 17 5.43 -28.59 4.80
CA LEU A 17 4.74 -28.13 3.59
C LEU A 17 5.51 -28.31 2.32
N THR A 18 6.84 -28.34 2.43
CA THR A 18 7.71 -28.43 1.29
C THR A 18 8.36 -29.81 1.23
N LYS A 19 7.68 -30.83 1.77
CA LYS A 19 8.15 -32.17 1.52
C LYS A 19 7.75 -32.53 0.05
N VAL A 20 6.53 -32.23 -0.38
CA VAL A 20 6.11 -32.63 -1.75
C VAL A 20 5.48 -31.53 -2.62
N VAL A 21 5.47 -30.29 -2.12
CA VAL A 21 5.02 -29.11 -2.92
C VAL A 21 6.10 -28.05 -2.84
N SER A 22 6.44 -27.41 -3.99
CA SER A 22 7.46 -26.33 -3.98
C SER A 22 6.93 -25.23 -3.09
N LYS A 23 7.81 -24.56 -2.34
CA LYS A 23 7.36 -23.36 -1.58
C LYS A 23 6.61 -22.47 -2.52
N GLN A 24 7.16 -22.27 -3.73
CA GLN A 24 6.47 -21.37 -4.69
C GLN A 24 5.18 -21.87 -5.33
N LEU A 25 4.79 -23.13 -5.04
CA LEU A 25 3.46 -23.58 -5.34
C LEU A 25 2.46 -23.51 -4.17
N LEU A 26 2.93 -23.06 -3.00
CA LEU A 26 2.03 -22.90 -1.86
C LEU A 26 1.12 -21.67 -2.04
N PRO A 27 -0.06 -21.64 -1.44
CA PRO A 27 -0.94 -20.51 -1.60
C PRO A 27 -0.44 -19.24 -0.96
N VAL A 28 -0.62 -18.13 -1.64
CA VAL A 28 -0.70 -16.82 -1.00
C VAL A 28 -2.13 -16.31 -1.17
N TYR A 29 -2.93 -16.49 -0.10
CA TYR A 29 -4.39 -16.38 -0.12
C TYR A 29 -5.08 -17.33 -1.08
N ASP A 30 -5.27 -16.88 -2.32
CA ASP A 30 -6.05 -17.69 -3.25
C ASP A 30 -5.30 -18.07 -4.51
N LYS A 31 -4.03 -17.71 -4.60
CA LYS A 31 -3.23 -17.97 -5.81
C LYS A 31 -1.91 -18.62 -5.46
N PRO A 32 -1.41 -19.49 -6.34
CA PRO A 32 -0.09 -20.06 -6.08
C PRO A 32 0.96 -18.94 -5.96
N MET A 33 1.84 -19.10 -5.00
CA MET A 33 2.86 -18.06 -4.72
C MET A 33 3.51 -17.48 -5.96
N VAL A 34 3.87 -18.35 -6.89
CA VAL A 34 4.62 -17.88 -8.07
C VAL A 34 3.86 -16.86 -8.90
N TYR A 35 2.53 -16.85 -8.79
CA TYR A 35 1.73 -15.83 -9.54
C TYR A 35 2.22 -14.43 -9.22
N TYR A 36 2.61 -14.21 -7.96
CA TYR A 36 2.92 -12.88 -7.54
C TYR A 36 4.22 -12.32 -8.18
N PRO A 37 5.35 -13.01 -8.10
CA PRO A 37 6.55 -12.50 -8.82
C PRO A 37 6.34 -12.50 -10.32
N LEU A 38 5.61 -13.51 -10.88
CA LEU A 38 5.34 -13.47 -12.33
C LEU A 38 4.57 -12.20 -12.73
N SER A 39 3.57 -11.83 -11.91
CA SER A 39 2.77 -10.65 -12.21
C SER A 39 3.67 -9.40 -12.23
N VAL A 40 4.70 -9.36 -11.37
CA VAL A 40 5.61 -8.21 -11.28
C VAL A 40 6.42 -8.06 -12.60
N LEU A 41 6.92 -9.19 -13.13
CA LEU A 41 7.66 -9.12 -14.40
C LEU A 41 6.69 -8.71 -15.53
N MET A 42 5.48 -9.28 -15.53
CA MET A 42 4.51 -8.87 -16.57
C MET A 42 4.21 -7.40 -16.49
N LEU A 43 4.00 -6.86 -15.27
CA LEU A 43 3.65 -5.45 -15.14
C LEU A 43 4.80 -4.54 -15.56
N ALA A 44 6.03 -5.04 -15.47
CA ALA A 44 7.21 -4.28 -15.90
C ALA A 44 7.35 -4.25 -17.44
N GLY A 45 6.46 -4.91 -18.14
CA GLY A 45 6.51 -4.99 -19.61
C GLY A 45 7.36 -6.14 -20.14
N ILE A 46 7.76 -7.07 -19.25
CA ILE A 46 8.58 -8.20 -19.61
C ILE A 46 7.72 -9.39 -20.08
N LYS A 47 7.97 -9.81 -21.33
CA LYS A 47 7.16 -10.86 -21.98
C LYS A 47 7.91 -12.15 -22.29
N ASP A 48 9.22 -12.18 -22.01
CA ASP A 48 10.02 -13.35 -22.34
C ASP A 48 10.71 -13.76 -21.07
N ILE A 49 10.19 -14.82 -20.42
CA ILE A 49 10.54 -15.09 -19.02
C ILE A 49 10.99 -16.55 -18.83
N LEU A 50 12.03 -16.72 -18.07
CA LEU A 50 12.59 -18.05 -17.73
C LEU A 50 12.28 -18.33 -16.28
N ILE A 51 11.68 -19.50 -16.01
CA ILE A 51 11.38 -19.92 -14.64
C ILE A 51 12.36 -21.04 -14.26
N ILE A 52 13.12 -20.81 -13.21
CA ILE A 52 14.12 -21.78 -12.78
C ILE A 52 13.56 -22.46 -11.54
N SER A 53 13.63 -23.80 -11.51
CA SER A 53 13.34 -24.48 -10.23
C SER A 53 14.17 -25.79 -10.05
N THR A 54 13.82 -26.58 -9.05
CA THR A 54 14.60 -27.79 -8.80
C THR A 54 14.30 -28.81 -9.92
N PRO A 55 15.06 -29.91 -9.94
CA PRO A 55 14.72 -30.97 -10.87
C PRO A 55 13.28 -31.47 -10.73
N GLU A 56 12.80 -31.62 -9.49
CA GLU A 56 11.48 -32.21 -9.27
C GLU A 56 10.36 -31.21 -9.43
N ASP A 57 10.65 -29.94 -9.15
CA ASP A 57 9.57 -28.97 -9.16
C ASP A 57 9.36 -28.28 -10.49
N THR A 58 10.41 -28.22 -11.31
CA THR A 58 10.31 -27.46 -12.57
C THR A 58 9.16 -27.97 -13.44
N PRO A 59 8.96 -29.33 -13.53
CA PRO A 59 7.83 -29.75 -14.34
C PRO A 59 6.44 -29.39 -13.77
N ARG A 60 6.40 -29.15 -12.47
CA ARG A 60 5.18 -28.74 -11.78
C ARG A 60 4.84 -27.28 -12.14
N PHE A 61 5.87 -26.45 -12.20
CA PHE A 61 5.62 -25.11 -12.67
C PHE A 61 5.15 -25.04 -14.12
N GLU A 62 5.76 -25.85 -14.99
CA GLU A 62 5.31 -25.90 -16.39
C GLU A 62 3.86 -26.43 -16.52
N GLN A 63 3.49 -27.37 -15.67
CA GLN A 63 2.11 -27.83 -15.63
C GLN A 63 1.17 -26.67 -15.30
N LEU A 64 1.56 -25.82 -14.33
CA LEU A 64 0.72 -24.71 -13.87
C LEU A 64 0.57 -23.60 -14.91
N LEU A 65 1.71 -23.20 -15.52
CA LEU A 65 1.77 -21.97 -16.29
C LEU A 65 1.88 -22.19 -17.79
N GLY A 66 2.39 -23.35 -18.17
CA GLY A 66 2.53 -23.72 -19.58
C GLY A 66 3.57 -22.85 -20.25
N GLY A 67 3.42 -22.64 -21.55
CA GLY A 67 4.45 -21.92 -22.31
C GLY A 67 4.18 -20.46 -22.42
N GLY A 68 3.09 -20.02 -21.80
CA GLY A 68 2.73 -18.61 -21.79
C GLY A 68 1.80 -18.07 -22.87
N SER A 69 1.50 -18.86 -23.90
CA SER A 69 0.69 -18.30 -24.98
C SER A 69 -0.68 -17.80 -24.49
N GLU A 70 -1.29 -18.49 -23.51
CA GLU A 70 -2.56 -17.96 -22.93
C GLU A 70 -2.46 -16.55 -22.44
N LEU A 71 -1.26 -16.18 -21.95
CA LEU A 71 -1.02 -14.86 -21.35
C LEU A 71 -0.36 -13.89 -22.35
N GLY A 72 -0.19 -14.33 -23.59
CA GLY A 72 0.41 -13.43 -24.58
C GLY A 72 1.91 -13.29 -24.35
N ILE A 73 2.49 -14.20 -23.58
CA ILE A 73 3.92 -14.13 -23.21
C ILE A 73 4.67 -15.41 -23.56
N SER A 74 6.00 -15.42 -23.38
CA SER A 74 6.76 -16.66 -23.55
C SER A 74 7.33 -17.02 -22.23
N LEU A 75 6.97 -18.20 -21.75
CA LEU A 75 7.60 -18.83 -20.62
C LEU A 75 8.43 -20.02 -21.00
N SER A 76 9.64 -20.08 -20.47
CA SER A 76 10.55 -21.21 -20.63
C SER A 76 10.99 -21.68 -19.28
N TYR A 77 11.60 -22.88 -19.22
CA TYR A 77 11.94 -23.47 -17.93
C TYR A 77 13.34 -24.00 -17.92
N ALA A 78 14.04 -23.88 -16.79
CA ALA A 78 15.30 -24.56 -16.60
C ALA A 78 15.48 -25.10 -15.20
N VAL A 79 16.34 -26.09 -15.07
CA VAL A 79 16.58 -26.71 -13.79
C VAL A 79 17.84 -26.21 -13.12
N GLN A 80 17.73 -25.96 -11.83
CA GLN A 80 18.89 -25.69 -10.97
C GLN A 80 19.13 -26.94 -10.14
N SER A 81 20.28 -27.60 -10.35
CA SER A 81 20.44 -28.94 -9.74
C SER A 81 20.58 -28.87 -8.23
N SER A 82 21.10 -27.76 -7.71
CA SER A 82 21.22 -27.56 -6.27
C SER A 82 21.09 -26.05 -5.95
N PRO A 83 20.48 -25.72 -4.82
CA PRO A 83 20.23 -24.26 -4.55
C PRO A 83 21.50 -23.51 -4.09
N ASP A 84 22.41 -23.30 -5.02
CA ASP A 84 23.74 -22.87 -4.70
C ASP A 84 23.92 -21.36 -4.84
N GLY A 85 22.79 -20.62 -4.92
CA GLY A 85 22.91 -19.18 -4.85
C GLY A 85 22.06 -18.47 -5.90
N LEU A 86 21.62 -17.25 -5.54
CA LEU A 86 20.81 -16.49 -6.49
C LEU A 86 21.56 -16.20 -7.75
N ALA A 87 22.85 -15.90 -7.63
CA ALA A 87 23.62 -15.56 -8.83
C ALA A 87 23.72 -16.68 -9.85
N GLN A 88 23.38 -17.91 -9.44
CA GLN A 88 23.29 -19.00 -10.43
C GLN A 88 22.21 -18.83 -11.46
N ALA A 89 21.25 -17.95 -11.19
CA ALA A 89 20.21 -17.70 -12.14
C ALA A 89 20.80 -17.29 -13.53
N PHE A 90 21.88 -16.50 -13.48
CA PHE A 90 22.42 -15.91 -14.69
C PHE A 90 23.34 -16.87 -15.38
N ILE A 91 23.85 -17.84 -14.62
CA ILE A 91 24.65 -18.93 -15.22
C ILE A 91 23.79 -20.00 -15.91
N ILE A 92 22.78 -20.48 -15.20
CA ILE A 92 21.77 -21.33 -15.79
C ILE A 92 21.06 -20.63 -16.97
N GLY A 93 20.80 -19.34 -16.80
CA GLY A 93 20.03 -18.57 -17.79
C GLY A 93 20.88 -17.88 -18.85
N GLU A 94 22.16 -18.24 -18.95
CA GLU A 94 23.05 -17.58 -19.92
C GLU A 94 22.54 -17.64 -21.36
N GLU A 95 22.17 -18.84 -21.81
CA GLU A 95 21.72 -19.00 -23.17
C GLU A 95 20.40 -18.29 -23.41
N PHE A 96 19.51 -18.38 -22.41
CA PHE A 96 18.27 -17.62 -22.45
C PHE A 96 18.49 -16.12 -22.59
N ILE A 97 19.35 -15.57 -21.73
CA ILE A 97 19.59 -14.11 -21.70
C ILE A 97 20.15 -13.59 -23.04
N GLY A 98 21.07 -14.34 -23.61
CA GLY A 98 21.75 -13.90 -24.83
C GLY A 98 22.42 -12.55 -24.60
N ASP A 99 22.18 -11.59 -25.49
CA ASP A 99 22.81 -10.31 -25.36
C ASP A 99 21.97 -9.27 -24.65
N ASP A 100 20.82 -9.71 -24.09
CA ASP A 100 19.81 -8.77 -23.62
C ASP A 100 20.05 -8.39 -22.16
N ASN A 101 19.41 -7.30 -21.78
CA ASN A 101 19.28 -6.95 -20.34
C ASN A 101 18.27 -7.91 -19.73
N VAL A 102 18.32 -8.05 -18.41
CA VAL A 102 17.46 -9.07 -17.76
C VAL A 102 17.14 -8.64 -16.34
N ALA A 103 15.90 -8.95 -15.92
CA ALA A 103 15.46 -8.69 -14.53
C ALA A 103 15.39 -10.04 -13.85
N LEU A 104 15.70 -10.06 -12.57
CA LEU A 104 15.49 -11.21 -11.72
C LEU A 104 14.50 -10.93 -10.63
N VAL A 105 13.54 -11.83 -10.45
CA VAL A 105 12.66 -11.75 -9.27
C VAL A 105 12.70 -13.06 -8.50
N LEU A 106 12.71 -12.95 -7.18
CA LEU A 106 12.70 -14.14 -6.30
C LEU A 106 11.29 -14.69 -6.17
N GLY A 107 11.19 -16.02 -6.21
CA GLY A 107 9.91 -16.70 -6.12
C GLY A 107 9.07 -16.46 -4.89
N ASP A 108 9.70 -16.20 -3.74
CA ASP A 108 8.96 -16.11 -2.48
C ASP A 108 8.70 -14.66 -2.03
N ASN A 109 8.93 -13.70 -2.94
CA ASN A 109 8.72 -12.29 -2.59
C ASN A 109 7.36 -11.81 -3.09
N ILE A 110 6.70 -11.03 -2.25
CA ILE A 110 5.40 -10.44 -2.60
C ILE A 110 5.52 -8.92 -2.49
N PHE A 111 5.44 -8.29 -3.65
CA PHE A 111 5.44 -6.80 -3.74
C PHE A 111 4.03 -6.27 -3.99
N TYR A 112 3.61 -5.20 -3.29
CA TYR A 112 2.32 -4.56 -3.60
C TYR A 112 2.33 -3.13 -3.15
N GLY A 113 1.90 -2.22 -4.03
CA GLY A 113 1.74 -0.85 -3.53
C GLY A 113 1.43 0.08 -4.67
N HIS A 114 0.89 1.24 -4.32
CA HIS A 114 0.70 2.29 -5.27
C HIS A 114 2.01 2.83 -5.86
N GLY A 115 1.99 3.12 -7.16
CA GLY A 115 3.16 3.71 -7.78
C GLY A 115 4.17 2.67 -8.24
N PHE A 116 3.82 1.39 -8.13
CA PHE A 116 4.80 0.36 -8.35
C PHE A 116 5.06 0.16 -9.84
N THR A 117 4.00 0.17 -10.66
CA THR A 117 4.19 -0.04 -12.09
C THR A 117 5.08 1.04 -12.68
N GLU A 118 4.94 2.30 -12.24
CA GLU A 118 5.89 3.31 -12.74
C GLU A 118 7.34 3.06 -12.40
N LEU A 119 7.61 2.58 -11.20
CA LEU A 119 8.97 2.30 -10.84
C LEU A 119 9.47 1.13 -11.71
N LEU A 120 8.62 0.11 -11.84
CA LEU A 120 9.02 -1.08 -12.65
C LEU A 120 9.36 -0.68 -14.07
N GLN A 121 8.50 0.11 -14.68
CA GLN A 121 8.67 0.41 -16.08
C GLN A 121 9.91 1.31 -16.26
N ARG A 122 10.19 2.15 -15.27
CA ARG A 122 11.41 2.94 -15.26
C ARG A 122 12.65 2.06 -15.20
N ALA A 123 12.67 1.14 -14.25
CA ALA A 123 13.78 0.22 -14.11
C ALA A 123 13.97 -0.60 -15.37
N ALA A 124 12.88 -1.02 -15.99
CA ALA A 124 12.95 -1.91 -17.13
C ALA A 124 13.46 -1.15 -18.33
N ASN A 125 13.32 0.15 -18.32
CA ASN A 125 13.76 0.89 -19.47
C ASN A 125 15.14 1.54 -19.31
N ARG A 126 15.77 1.29 -18.17
CA ARG A 126 17.11 1.82 -17.90
C ARG A 126 18.11 0.88 -18.55
N LYS A 127 18.91 1.40 -19.46
CA LYS A 127 19.66 0.53 -20.34
C LYS A 127 20.99 0.11 -19.70
N SER A 128 21.49 0.93 -18.79
CA SER A 128 22.80 0.61 -18.12
C SER A 128 22.75 0.47 -16.62
N GLY A 129 23.57 -0.46 -16.11
CA GLY A 129 23.84 -0.53 -14.67
C GLY A 129 22.91 -1.61 -14.03
N ALA A 130 22.87 -1.62 -12.72
CA ALA A 130 21.97 -2.53 -11.94
C ALA A 130 21.02 -1.64 -11.16
N THR A 131 19.70 -2.00 -11.12
CA THR A 131 18.78 -1.28 -10.25
C THR A 131 18.28 -2.28 -9.19
N ILE A 132 18.39 -1.85 -7.95
CA ILE A 132 17.87 -2.61 -6.81
C ILE A 132 16.81 -1.77 -6.12
N PHE A 133 16.03 -2.42 -5.30
CA PHE A 133 14.90 -1.77 -4.63
C PHE A 133 15.04 -1.93 -3.14
N GLY A 134 15.20 -0.82 -2.44
CA GLY A 134 15.36 -0.91 -0.97
C GLY A 134 14.06 -0.67 -0.23
N TYR A 135 13.94 -1.28 0.97
CA TYR A 135 12.69 -1.21 1.70
C TYR A 135 13.02 -1.26 3.18
N ASN A 136 12.47 -0.33 3.94
CA ASN A 136 12.75 -0.25 5.40
C ASN A 136 12.13 -1.44 6.16
N VAL A 137 12.97 -2.17 6.93
CA VAL A 137 12.48 -3.37 7.61
C VAL A 137 12.91 -3.35 9.05
N LYS A 138 12.17 -4.13 9.83
CA LYS A 138 12.49 -4.34 11.23
C LYS A 138 13.77 -5.10 11.47
N ASP A 139 14.09 -6.06 10.63
CA ASP A 139 15.26 -6.88 11.06
C ASP A 139 16.26 -6.98 9.94
N PRO A 140 16.93 -5.84 9.63
CA PRO A 140 17.72 -5.76 8.41
C PRO A 140 18.82 -6.77 8.29
N GLN A 141 19.31 -7.28 9.44
CA GLN A 141 20.36 -8.31 9.42
C GLN A 141 19.96 -9.63 8.77
N ARG A 142 18.66 -9.81 8.51
CA ARG A 142 18.12 -10.98 7.78
C ARG A 142 18.33 -10.96 6.25
N PHE A 143 18.74 -9.78 5.73
CA PHE A 143 18.63 -9.47 4.32
C PHE A 143 19.93 -8.89 3.80
N GLY A 144 20.02 -8.72 2.48
CA GLY A 144 21.02 -7.78 1.95
C GLY A 144 20.60 -6.39 2.41
N VAL A 145 21.57 -5.55 2.75
CA VAL A 145 21.31 -4.25 3.35
C VAL A 145 22.02 -3.19 2.53
N VAL A 146 21.25 -2.18 2.07
CA VAL A 146 21.86 -1.10 1.30
C VAL A 146 21.91 0.16 2.14
N GLU A 147 23.09 0.79 2.10
CA GLU A 147 23.36 2.05 2.77
C GLU A 147 23.48 3.12 1.67
N PHE A 148 22.74 4.20 1.79
CA PHE A 148 22.79 5.25 0.77
C PHE A 148 22.91 6.64 1.42
N ASP A 149 23.48 7.59 0.65
CA ASP A 149 23.70 8.99 1.11
C ASP A 149 22.45 9.84 0.91
N GLU A 150 22.63 11.16 1.05
CA GLU A 150 21.52 12.10 1.01
C GLU A 150 20.85 12.20 -0.37
N LYS A 151 21.62 11.92 -1.43
CA LYS A 151 21.12 12.01 -2.80
C LYS A 151 20.64 10.63 -3.34
N GLY A 152 20.65 9.62 -2.46
CA GLY A 152 20.19 8.26 -2.83
C GLY A 152 21.31 7.44 -3.47
N LYS A 153 22.53 7.98 -3.40
CA LYS A 153 23.68 7.30 -3.95
C LYS A 153 24.09 6.17 -3.03
N VAL A 154 24.30 4.99 -3.59
CA VAL A 154 24.72 3.86 -2.79
C VAL A 154 26.15 4.04 -2.24
N ILE A 155 26.27 3.81 -0.95
CA ILE A 155 27.55 3.81 -0.27
C ILE A 155 28.05 2.39 -0.06
N SER A 156 27.17 1.50 0.44
CA SER A 156 27.58 0.13 0.69
C SER A 156 26.41 -0.83 0.51
N ILE A 157 26.75 -2.09 0.30
CA ILE A 157 25.75 -3.18 0.25
C ILE A 157 26.39 -4.43 0.86
N GLU A 158 25.69 -5.02 1.80
CA GLU A 158 26.26 -6.16 2.56
C GLU A 158 25.18 -7.21 2.77
N GLU A 159 25.55 -8.49 2.64
CA GLU A 159 24.61 -9.58 2.86
C GLU A 159 24.55 -10.00 4.33
N LYS A 160 23.38 -9.87 4.95
CA LYS A 160 23.14 -10.27 6.35
C LYS A 160 24.25 -9.76 7.31
N PRO A 161 24.49 -8.46 7.31
CA PRO A 161 25.49 -7.87 8.22
C PRO A 161 25.12 -8.10 9.69
N GLU A 162 26.10 -8.42 10.53
CA GLU A 162 25.81 -8.47 11.97
C GLU A 162 25.54 -7.09 12.54
N GLU A 163 26.16 -6.05 11.99
CA GLU A 163 25.87 -4.65 12.34
C GLU A 163 25.43 -3.88 11.09
N PRO A 164 24.15 -3.99 10.73
CA PRO A 164 23.58 -3.32 9.58
C PRO A 164 23.86 -1.79 9.58
N LYS A 165 24.28 -1.27 8.43
CA LYS A 165 24.58 0.14 8.22
C LYS A 165 23.36 1.02 7.89
N SER A 166 22.20 0.37 7.72
CA SER A 166 20.95 1.06 7.56
C SER A 166 19.84 0.06 7.91
N SER A 167 18.60 0.54 7.82
CA SER A 167 17.42 -0.33 8.03
C SER A 167 16.81 -0.76 6.69
N TYR A 168 17.52 -0.53 5.60
CA TYR A 168 16.98 -0.83 4.26
C TYR A 168 17.44 -2.19 3.72
N ALA A 169 16.49 -3.11 3.61
CA ALA A 169 16.71 -4.41 2.94
C ALA A 169 16.75 -4.23 1.42
N VAL A 170 17.58 -5.00 0.78
CA VAL A 170 17.60 -5.07 -0.70
C VAL A 170 16.67 -6.18 -1.08
N THR A 171 15.49 -5.76 -1.58
CA THR A 171 14.41 -6.73 -1.84
C THR A 171 14.73 -7.62 -3.05
N GLY A 172 13.92 -8.66 -3.23
CA GLY A 172 14.19 -9.66 -4.25
C GLY A 172 13.69 -9.32 -5.66
N LEU A 173 14.10 -8.16 -6.16
CA LEU A 173 13.73 -7.72 -7.52
C LEU A 173 14.92 -6.89 -7.99
N TYR A 174 15.48 -7.29 -9.13
CA TYR A 174 16.78 -6.74 -9.59
C TYR A 174 16.71 -6.57 -11.12
N PHE A 175 17.18 -5.42 -11.59
CA PHE A 175 17.26 -5.21 -13.04
C PHE A 175 18.70 -4.97 -13.41
N TYR A 176 19.15 -5.74 -14.41
CA TYR A 176 20.56 -5.70 -14.85
C TYR A 176 20.69 -5.47 -16.34
N ASP A 177 21.81 -4.85 -16.72
CA ASP A 177 22.24 -4.90 -18.11
C ASP A 177 22.99 -6.20 -18.36
N ASN A 178 23.43 -6.40 -19.60
CA ASN A 178 23.91 -7.72 -20.01
C ASN A 178 25.24 -8.14 -19.32
N ARG A 179 25.91 -7.18 -18.69
CA ARG A 179 27.15 -7.44 -17.95
C ARG A 179 26.97 -8.44 -16.79
N VAL A 180 25.72 -8.65 -16.39
CA VAL A 180 25.49 -9.48 -15.22
C VAL A 180 25.94 -10.91 -15.40
N VAL A 181 25.83 -11.43 -16.63
CA VAL A 181 26.21 -12.85 -16.89
C VAL A 181 27.68 -13.08 -16.61
N ASP A 182 28.55 -12.23 -17.16
CA ASP A 182 30.00 -12.36 -16.87
C ASP A 182 30.34 -12.07 -15.42
N ILE A 183 29.64 -11.12 -14.81
CA ILE A 183 29.82 -10.87 -13.39
C ILE A 183 29.51 -12.15 -12.57
N ALA A 184 28.42 -12.83 -12.91
CA ALA A 184 27.94 -13.94 -12.07
C ALA A 184 28.94 -15.09 -12.19
N LYS A 185 29.53 -15.21 -13.37
CA LYS A 185 30.59 -16.20 -13.62
C LYS A 185 31.85 -15.96 -12.84
N ASN A 186 32.06 -14.74 -12.38
CA ASN A 186 33.31 -14.39 -11.74
C ASN A 186 33.25 -14.20 -10.25
N ILE A 187 32.08 -14.41 -9.66
CA ILE A 187 32.01 -14.38 -8.19
C ILE A 187 32.20 -15.79 -7.63
N THR A 188 32.44 -15.86 -6.33
CA THR A 188 32.74 -17.14 -5.67
C THR A 188 31.82 -17.30 -4.48
N PRO A 189 31.63 -18.55 -4.02
CA PRO A 189 30.73 -18.75 -2.90
C PRO A 189 31.08 -17.98 -1.62
N SER A 190 30.05 -17.54 -0.92
CA SER A 190 30.21 -16.88 0.36
C SER A 190 30.42 -17.92 1.49
N ALA A 191 30.48 -17.45 2.75
CA ALA A 191 30.43 -18.35 3.92
C ALA A 191 29.19 -19.26 4.04
N ARG A 192 28.08 -18.82 3.43
CA ARG A 192 26.83 -19.63 3.34
C ARG A 192 26.93 -20.70 2.24
N GLY A 193 28.01 -20.66 1.48
CA GLY A 193 28.22 -21.55 0.34
C GLY A 193 27.31 -21.22 -0.83
N GLU A 194 26.97 -19.93 -0.95
CA GLU A 194 26.10 -19.46 -2.03
C GLU A 194 26.84 -18.44 -2.88
N LEU A 195 26.54 -18.46 -4.18
CA LEU A 195 26.91 -17.41 -5.13
C LEU A 195 25.89 -16.27 -4.99
N GLU A 196 26.28 -15.26 -4.22
CA GLU A 196 25.34 -14.29 -3.66
C GLU A 196 24.96 -13.22 -4.71
N ILE A 197 23.66 -12.89 -4.76
CA ILE A 197 23.28 -11.70 -5.48
C ILE A 197 23.95 -10.44 -4.95
N THR A 198 24.18 -10.38 -3.66
CA THR A 198 24.86 -9.28 -3.09
C THR A 198 26.23 -9.05 -3.74
N ASP A 199 26.91 -10.13 -4.06
CA ASP A 199 28.20 -10.02 -4.76
C ASP A 199 28.09 -9.54 -6.21
N VAL A 200 27.01 -9.93 -6.89
CA VAL A 200 26.69 -9.34 -8.20
C VAL A 200 26.54 -7.83 -8.03
N ASN A 201 25.73 -7.43 -7.04
CA ASN A 201 25.50 -6.03 -6.84
C ASN A 201 26.77 -5.25 -6.43
N LYS A 202 27.65 -5.88 -5.62
CA LYS A 202 28.92 -5.26 -5.26
C LYS A 202 29.77 -5.00 -6.50
N ALA A 203 29.71 -5.88 -7.50
CA ALA A 203 30.47 -5.67 -8.76
C ALA A 203 29.99 -4.42 -9.46
N TYR A 204 28.68 -4.20 -9.45
CA TYR A 204 28.20 -3.00 -10.07
C TYR A 204 28.53 -1.76 -9.22
N LEU A 205 28.51 -1.91 -7.88
CA LEU A 205 28.86 -0.82 -7.02
C LEU A 205 30.31 -0.39 -7.21
N GLU A 206 31.19 -1.35 -7.41
CA GLU A 206 32.63 -1.02 -7.70
C GLU A 206 32.72 -0.07 -8.90
N LEU A 207 31.84 -0.27 -9.88
CA LEU A 207 31.84 0.52 -11.10
C LEU A 207 31.10 1.84 -10.95
N GLY A 208 30.49 2.04 -9.79
CA GLY A 208 29.62 3.20 -9.60
C GLY A 208 28.30 3.13 -10.32
N GLU A 209 27.84 1.91 -10.57
CA GLU A 209 26.71 1.67 -11.44
C GLU A 209 25.65 0.83 -10.79
N LEU A 210 25.62 0.85 -9.48
CA LEU A 210 24.49 0.25 -8.69
C LEU A 210 23.58 1.38 -8.24
N HIS A 211 22.34 1.28 -8.70
CA HIS A 211 21.32 2.32 -8.55
C HIS A 211 20.22 1.77 -7.66
N VAL A 212 19.84 2.50 -6.63
CA VAL A 212 18.75 2.05 -5.73
C VAL A 212 17.49 2.90 -5.82
N GLU A 213 16.37 2.22 -5.97
CA GLU A 213 15.08 2.90 -5.93
C GLU A 213 14.53 2.61 -4.56
N LEU A 214 14.00 3.61 -3.90
CA LEU A 214 13.39 3.36 -2.62
C LEU A 214 11.90 3.02 -2.71
N LEU A 215 11.54 1.91 -2.08
CA LEU A 215 10.15 1.56 -1.98
C LEU A 215 9.76 2.08 -0.61
N GLY A 216 8.96 3.16 -0.58
CA GLY A 216 8.65 3.82 0.71
C GLY A 216 7.65 3.08 1.62
N ARG A 217 7.43 3.59 2.85
CA ARG A 217 6.68 2.81 3.89
C ARG A 217 5.22 2.40 3.52
N GLY A 218 4.63 3.22 2.68
CA GLY A 218 3.31 2.89 2.15
C GLY A 218 3.25 1.68 1.22
N PHE A 219 4.41 1.19 0.81
CA PHE A 219 4.50 0.00 0.02
C PHE A 219 4.59 -1.25 0.91
N ALA A 220 4.04 -2.35 0.42
CA ALA A 220 4.16 -3.65 1.13
C ALA A 220 5.16 -4.54 0.44
N TRP A 221 6.14 -5.00 1.20
CA TRP A 221 7.06 -6.05 0.72
C TRP A 221 7.16 -7.14 1.74
N LEU A 222 6.63 -8.29 1.40
CA LEU A 222 6.57 -9.37 2.32
C LEU A 222 7.35 -10.56 1.73
N ASP A 223 7.69 -11.53 2.58
CA ASP A 223 8.11 -12.78 2.06
C ASP A 223 7.54 -13.90 2.92
N THR A 224 7.61 -15.06 2.32
CA THR A 224 6.81 -16.13 2.73
C THR A 224 7.76 -17.18 3.30
N GLY A 225 8.83 -16.73 3.94
CA GLY A 225 9.90 -17.68 4.31
C GLY A 225 9.57 -18.54 5.52
N THR A 226 8.63 -18.12 6.34
CA THR A 226 8.21 -18.90 7.54
C THR A 226 6.73 -19.22 7.51
N HIS A 227 6.29 -20.19 8.32
CA HIS A 227 4.85 -20.46 8.39
C HIS A 227 4.06 -19.25 8.80
N GLU A 228 4.60 -18.52 9.77
CA GLU A 228 3.94 -17.35 10.32
C GLU A 228 3.86 -16.26 9.23
N SER A 229 4.95 -16.05 8.52
CA SER A 229 5.02 -14.98 7.51
C SER A 229 4.18 -15.32 6.25
N LEU A 230 4.08 -16.60 5.94
CA LEU A 230 3.25 -17.05 4.81
C LEU A 230 1.76 -16.79 5.13
N LEU A 231 1.32 -17.15 6.33
CA LEU A 231 -0.03 -16.89 6.73
C LEU A 231 -0.32 -15.40 6.80
N GLN A 232 0.66 -14.61 7.27
CA GLN A 232 0.51 -13.14 7.34
C GLN A 232 0.37 -12.50 5.95
N ALA A 233 1.14 -12.97 5.00
CA ALA A 233 0.98 -12.51 3.58
C ALA A 233 -0.35 -12.87 2.99
N SER A 234 -0.82 -14.08 3.30
CA SER A 234 -2.14 -14.49 2.82
C SER A 234 -3.22 -13.59 3.36
N GLN A 235 -3.15 -13.29 4.65
CA GLN A 235 -4.13 -12.40 5.26
C GLN A 235 -4.11 -11.00 4.64
N PHE A 236 -2.90 -10.52 4.31
CA PHE A 236 -2.76 -9.19 3.79
C PHE A 236 -3.47 -9.11 2.41
N ILE A 237 -3.17 -10.06 1.54
CA ILE A 237 -3.83 -10.09 0.24
C ILE A 237 -5.35 -10.26 0.36
N GLU A 238 -5.78 -11.13 1.28
CA GLU A 238 -7.20 -11.26 1.54
C GLU A 238 -7.86 -9.93 1.90
N THR A 239 -7.17 -9.13 2.71
CA THR A 239 -7.76 -7.85 3.15
C THR A 239 -7.90 -6.92 1.98
N ILE A 240 -6.85 -6.86 1.16
CA ILE A 240 -6.86 -5.96 -0.01
C ILE A 240 -7.96 -6.35 -0.97
N GLU A 241 -8.09 -7.63 -1.25
CA GLU A 241 -9.06 -8.10 -2.21
C GLU A 241 -10.51 -8.03 -1.71
N LYS A 242 -10.70 -8.21 -0.42
CA LYS A 242 -12.07 -8.20 0.12
C LYS A 242 -12.71 -6.84 -0.08
N ARG A 243 -11.90 -5.81 0.08
CA ARG A 243 -12.44 -4.49 0.13
C ARG A 243 -12.72 -3.96 -1.30
N GLN A 244 -11.90 -4.39 -2.22
CA GLN A 244 -11.94 -3.88 -3.60
C GLN A 244 -12.66 -4.78 -4.54
N SER A 245 -12.96 -4.28 -5.72
CA SER A 245 -13.51 -5.18 -6.70
C SER A 245 -12.38 -5.76 -7.57
N LEU A 246 -11.14 -5.41 -7.23
CA LEU A 246 -9.95 -5.73 -8.06
C LEU A 246 -9.09 -6.80 -7.37
N LYS A 247 -8.40 -7.64 -8.16
CA LYS A 247 -7.54 -8.71 -7.62
C LYS A 247 -6.05 -8.36 -7.72
N VAL A 248 -5.25 -8.97 -6.85
CA VAL A 248 -3.78 -8.81 -6.92
C VAL A 248 -3.16 -10.03 -7.61
N ALA A 249 -2.35 -9.78 -8.67
CA ALA A 249 -1.62 -10.87 -9.37
C ALA A 249 -2.57 -11.86 -10.10
N CYS A 250 -3.65 -11.30 -10.63
CA CYS A 250 -4.50 -12.08 -11.53
C CYS A 250 -3.85 -12.00 -12.96
N LEU A 251 -3.15 -13.07 -13.29
CA LEU A 251 -2.24 -13.07 -14.50
C LEU A 251 -3.01 -12.74 -15.77
N GLU A 252 -4.20 -13.31 -15.89
CA GLU A 252 -4.96 -13.16 -17.12
C GLU A 252 -5.49 -11.73 -17.24
N GLU A 253 -5.89 -11.16 -16.12
CA GLU A 253 -6.22 -9.74 -16.10
C GLU A 253 -5.02 -8.89 -16.55
N ILE A 254 -3.85 -9.13 -15.96
CA ILE A 254 -2.67 -8.35 -16.34
C ILE A 254 -2.33 -8.48 -17.82
N ALA A 255 -2.38 -9.70 -18.34
CA ALA A 255 -2.11 -9.96 -19.77
C ALA A 255 -3.04 -9.11 -20.61
N TYR A 256 -4.31 -9.01 -20.19
CA TYR A 256 -5.25 -8.15 -20.91
C TYR A 256 -4.91 -6.66 -20.75
N ARG A 257 -4.71 -6.22 -19.50
CA ARG A 257 -4.40 -4.81 -19.24
C ARG A 257 -3.12 -4.33 -19.90
N MET A 258 -2.13 -5.22 -20.03
CA MET A 258 -0.83 -4.85 -20.62
C MET A 258 -0.92 -4.91 -22.16
N GLY A 259 -2.07 -5.35 -22.67
CA GLY A 259 -2.26 -5.56 -24.10
C GLY A 259 -1.56 -6.77 -24.71
N TYR A 260 -1.15 -7.73 -23.88
CA TYR A 260 -0.53 -8.95 -24.37
C TYR A 260 -1.59 -9.86 -25.04
N ILE A 261 -2.84 -9.75 -24.56
CA ILE A 261 -3.97 -10.55 -25.07
C ILE A 261 -5.16 -9.66 -25.31
N SER A 262 -6.04 -10.09 -26.22
CA SER A 262 -7.21 -9.30 -26.61
C SER A 262 -8.41 -9.59 -25.70
N ARG A 263 -9.47 -8.78 -25.82
CA ARG A 263 -10.75 -9.05 -25.15
C ARG A 263 -11.31 -10.43 -25.48
N GLU A 264 -11.24 -10.82 -26.77
CA GLU A 264 -11.70 -12.12 -27.22
C GLU A 264 -10.89 -13.25 -26.61
N GLN A 265 -9.58 -13.04 -26.53
CA GLN A 265 -8.71 -14.06 -25.98
C GLN A 265 -9.04 -14.22 -24.50
N LEU A 266 -9.36 -13.10 -23.83
CA LEU A 266 -9.70 -13.13 -22.38
C LEU A 266 -10.99 -13.88 -22.13
N ILE A 267 -12.01 -13.58 -22.93
CA ILE A 267 -13.24 -14.39 -22.91
C ILE A 267 -12.98 -15.88 -23.01
N LYS A 268 -12.10 -16.30 -23.93
CA LYS A 268 -11.82 -17.69 -24.10
C LYS A 268 -11.13 -18.32 -22.90
N LEU A 269 -10.31 -17.53 -22.19
CA LEU A 269 -9.73 -17.98 -20.91
C LEU A 269 -10.77 -18.08 -19.82
N ALA A 270 -11.72 -17.15 -19.82
CA ALA A 270 -12.77 -17.11 -18.75
C ALA A 270 -13.74 -18.32 -18.88
N GLU A 271 -14.07 -18.70 -20.11
CA GLU A 271 -15.08 -19.78 -20.33
C GLU A 271 -14.90 -21.05 -19.47
N PRO A 272 -13.72 -21.71 -19.50
CA PRO A 272 -13.57 -22.99 -18.72
C PRO A 272 -13.44 -22.75 -17.22
N LEU A 273 -13.41 -21.48 -16.86
CA LEU A 273 -13.33 -21.06 -15.44
C LEU A 273 -14.63 -20.43 -14.90
N MET A 274 -15.69 -20.40 -15.70
CA MET A 274 -16.96 -19.81 -15.25
C MET A 274 -17.60 -20.59 -14.12
N LYS A 275 -17.13 -21.82 -13.92
CA LYS A 275 -17.54 -22.65 -12.78
C LYS A 275 -16.99 -22.11 -11.44
N ASN A 276 -16.10 -21.13 -11.52
CA ASN A 276 -15.59 -20.51 -10.30
C ASN A 276 -15.52 -18.98 -10.32
N GLU A 277 -15.29 -18.37 -9.15
CA GLU A 277 -15.33 -16.93 -9.07
C GLU A 277 -14.18 -16.24 -9.79
N TYR A 278 -13.08 -16.95 -9.92
CA TYR A 278 -11.95 -16.42 -10.68
C TYR A 278 -12.28 -16.23 -12.17
N GLY A 279 -12.90 -17.24 -12.79
CA GLY A 279 -13.39 -17.08 -14.17
C GLY A 279 -14.46 -16.01 -14.29
N GLN A 280 -15.37 -15.99 -13.33
CA GLN A 280 -16.36 -14.95 -13.33
C GLN A 280 -15.76 -13.55 -13.32
N TYR A 281 -14.70 -13.37 -12.52
CA TYR A 281 -13.99 -12.08 -12.50
C TYR A 281 -13.37 -11.74 -13.86
N LEU A 282 -12.80 -12.74 -14.53
CA LEU A 282 -12.14 -12.49 -15.83
C LEU A 282 -13.22 -12.12 -16.87
N MET A 283 -14.33 -12.88 -16.88
CA MET A 283 -15.47 -12.57 -17.79
C MET A 283 -16.00 -11.17 -17.58
N ASN A 284 -16.22 -10.80 -16.31
CA ASN A 284 -16.71 -9.47 -16.03
C ASN A 284 -15.76 -8.41 -16.56
N LEU A 285 -14.45 -8.65 -16.41
CA LEU A 285 -13.49 -7.68 -16.92
C LEU A 285 -13.51 -7.59 -18.46
N ALA A 286 -13.64 -8.73 -19.12
CA ALA A 286 -13.59 -8.74 -20.59
C ALA A 286 -14.75 -7.93 -21.17
N HIS A 287 -15.87 -7.92 -20.46
CA HIS A 287 -17.09 -7.27 -20.95
C HIS A 287 -17.26 -5.83 -20.46
N ARG A 288 -16.36 -5.39 -19.59
CA ARG A 288 -16.28 -3.97 -19.21
C ARG A 288 -15.79 -3.07 -20.36
N SER A 289 -16.23 -1.81 -20.35
CA SER A 289 -15.77 -0.84 -21.35
C SER A 289 -14.40 -0.29 -21.00
N MET B 1 -5.18 25.67 6.38
CA MET B 1 -6.52 24.97 6.28
C MET B 1 -6.82 24.39 7.63
N LYS B 2 -8.06 24.49 8.06
CA LYS B 2 -8.52 23.81 9.27
C LYS B 2 -9.00 22.41 8.98
N GLY B 3 -9.24 21.66 10.06
CA GLY B 3 -9.78 20.29 9.85
C GLY B 3 -10.86 19.94 10.84
N ILE B 4 -11.73 19.01 10.42
CA ILE B 4 -12.83 18.56 11.27
C ILE B 4 -12.79 17.02 11.20
N ILE B 5 -12.81 16.37 12.34
CA ILE B 5 -13.00 14.89 12.41
C ILE B 5 -14.41 14.63 12.92
N LEU B 6 -15.26 14.08 12.03
CA LEU B 6 -16.67 13.83 12.42
C LEU B 6 -16.69 12.41 12.94
N SER B 7 -16.97 12.28 14.22
CA SER B 7 -16.67 11.04 14.96
C SER B 7 -17.82 10.70 15.94
N GLY B 8 -19.02 10.77 15.42
CA GLY B 8 -20.24 10.42 16.18
C GLY B 8 -20.93 9.27 15.50
N GLY B 9 -22.26 9.38 15.37
CA GLY B 9 -23.04 8.41 14.59
C GLY B 9 -24.02 7.69 15.50
N SER B 10 -25.10 7.20 14.91
CA SER B 10 -26.06 6.35 15.65
C SER B 10 -25.35 5.19 16.37
N GLY B 11 -24.47 4.50 15.65
CA GLY B 11 -23.51 3.58 16.22
C GLY B 11 -24.09 2.30 16.84
N THR B 12 -24.51 1.34 16.00
CA THR B 12 -25.13 0.11 16.55
C THR B 12 -24.58 -1.24 16.06
N ARG B 13 -23.89 -1.22 14.92
CA ARG B 13 -23.44 -2.48 14.28
C ARG B 13 -22.39 -3.22 15.12
N LEU B 14 -21.65 -2.49 15.93
CA LEU B 14 -20.54 -3.08 16.66
C LEU B 14 -20.89 -3.48 18.10
N TYR B 15 -22.17 -3.38 18.44
CA TYR B 15 -22.69 -3.91 19.71
C TYR B 15 -22.19 -5.35 19.96
N PRO B 16 -21.76 -5.66 21.20
CA PRO B 16 -21.77 -4.79 22.39
C PRO B 16 -20.45 -4.06 22.67
N LEU B 17 -19.54 -3.99 21.70
CA LEU B 17 -18.32 -3.22 21.97
C LEU B 17 -18.63 -1.78 22.22
N THR B 18 -19.70 -1.32 21.59
CA THR B 18 -20.13 0.05 21.74
C THR B 18 -21.28 0.25 22.72
N LYS B 19 -21.47 -0.72 23.63
CA LYS B 19 -22.57 -0.63 24.60
C LYS B 19 -22.46 0.70 25.35
N VAL B 20 -21.21 1.08 25.69
CA VAL B 20 -20.93 2.36 26.35
C VAL B 20 -20.25 3.40 25.38
N VAL B 21 -19.20 2.97 24.68
CA VAL B 21 -18.22 3.87 24.00
C VAL B 21 -18.54 3.95 22.50
N SER B 22 -18.27 5.08 21.87
CA SER B 22 -18.38 5.18 20.42
C SER B 22 -17.26 4.31 19.74
N LYS B 23 -17.55 3.90 18.53
CA LYS B 23 -16.65 3.03 17.74
C LYS B 23 -15.27 3.60 17.50
N GLN B 24 -15.19 4.91 17.43
CA GLN B 24 -13.91 5.52 17.03
C GLN B 24 -12.90 5.56 18.19
N LEU B 25 -13.29 5.02 19.36
CA LEU B 25 -12.42 4.94 20.52
C LEU B 25 -11.94 3.50 20.66
N LEU B 26 -12.44 2.61 19.79
CA LEU B 26 -12.02 1.19 19.83
C LEU B 26 -10.65 1.04 19.18
N PRO B 27 -9.90 -0.04 19.53
CA PRO B 27 -8.56 -0.21 18.89
C PRO B 27 -8.61 -0.66 17.45
N VAL B 28 -7.70 -0.12 16.64
CA VAL B 28 -7.32 -0.73 15.40
C VAL B 28 -5.86 -1.15 15.47
N TYR B 29 -5.64 -2.46 15.63
CA TYR B 29 -4.41 -3.01 16.17
C TYR B 29 -4.05 -2.37 17.51
N ASP B 30 -3.01 -1.53 17.55
CA ASP B 30 -2.55 -1.04 18.83
C ASP B 30 -2.83 0.45 19.14
N LYS B 31 -3.68 1.12 18.33
CA LYS B 31 -4.00 2.52 18.60
C LYS B 31 -5.49 2.76 18.47
N PRO B 32 -6.04 3.69 19.27
CA PRO B 32 -7.43 4.05 19.14
C PRO B 32 -7.73 4.43 17.71
N MET B 33 -8.89 4.00 17.21
CA MET B 33 -9.25 4.19 15.80
C MET B 33 -9.00 5.66 15.37
N VAL B 34 -9.49 6.60 16.19
CA VAL B 34 -9.46 8.02 15.78
C VAL B 34 -8.00 8.51 15.53
N TYR B 35 -6.96 7.80 16.02
CA TYR B 35 -5.57 8.17 15.67
C TYR B 35 -5.34 8.15 14.15
N TYR B 36 -6.00 7.23 13.43
CA TYR B 36 -5.71 7.06 11.98
C TYR B 36 -6.21 8.27 11.14
N PRO B 37 -7.48 8.69 11.29
CA PRO B 37 -7.90 9.90 10.53
C PRO B 37 -7.23 11.17 11.05
N LEU B 38 -6.96 11.24 12.36
CA LEU B 38 -6.22 12.40 12.92
C LEU B 38 -4.82 12.48 12.27
N SER B 39 -4.16 11.32 12.11
CA SER B 39 -2.82 11.32 11.50
C SER B 39 -2.86 11.88 10.06
N VAL B 40 -3.94 11.60 9.36
CA VAL B 40 -4.11 12.02 7.97
C VAL B 40 -4.20 13.57 7.88
N LEU B 41 -5.04 14.14 8.71
CA LEU B 41 -5.11 15.62 8.79
C LEU B 41 -3.76 16.20 9.13
N MET B 42 -3.07 15.59 10.11
CA MET B 42 -1.74 16.14 10.49
C MET B 42 -0.77 16.06 9.33
N LEU B 43 -0.74 14.93 8.59
CA LEU B 43 0.16 14.79 7.43
C LEU B 43 -0.17 15.74 6.29
N ALA B 44 -1.40 16.25 6.27
CA ALA B 44 -1.82 17.22 5.25
C ALA B 44 -1.41 18.62 5.63
N GLY B 45 -0.75 18.75 6.78
CA GLY B 45 -0.33 20.04 7.28
C GLY B 45 -1.42 20.78 8.03
N ILE B 46 -2.42 20.04 8.50
CA ILE B 46 -3.53 20.65 9.20
C ILE B 46 -3.32 20.47 10.68
N LYS B 47 -3.24 21.59 11.42
CA LYS B 47 -2.90 21.54 12.83
C LYS B 47 -3.90 22.27 13.71
N ASP B 48 -5.05 22.64 13.16
CA ASP B 48 -6.10 23.27 13.96
C ASP B 48 -7.37 22.54 13.60
N ILE B 49 -7.79 21.68 14.52
CA ILE B 49 -8.74 20.58 14.22
C ILE B 49 -9.86 20.54 15.27
N LEU B 50 -11.08 20.42 14.80
CA LEU B 50 -12.28 20.32 15.61
C LEU B 50 -12.73 18.88 15.54
N ILE B 51 -12.94 18.26 16.69
CA ILE B 51 -13.45 16.88 16.74
C ILE B 51 -14.88 16.96 17.22
N ILE B 52 -15.77 16.42 16.40
CA ILE B 52 -17.24 16.44 16.64
C ILE B 52 -17.67 15.02 16.99
N SER B 53 -18.34 14.85 18.13
CA SER B 53 -18.93 13.53 18.47
C SER B 53 -20.28 13.71 19.15
N THR B 54 -20.82 12.63 19.71
CA THR B 54 -22.11 12.69 20.38
C THR B 54 -22.01 13.37 21.76
N PRO B 55 -23.17 13.77 22.31
CA PRO B 55 -23.02 14.39 23.64
C PRO B 55 -22.28 13.50 24.64
N GLU B 56 -22.47 12.18 24.59
CA GLU B 56 -21.83 11.29 25.57
C GLU B 56 -20.36 11.02 25.29
N ASP B 57 -19.98 10.95 24.02
CA ASP B 57 -18.64 10.52 23.68
C ASP B 57 -17.67 11.63 23.44
N THR B 58 -18.17 12.82 23.12
CA THR B 58 -17.26 13.96 22.92
C THR B 58 -16.25 14.10 24.05
N PRO B 59 -16.68 13.92 25.32
CA PRO B 59 -15.75 14.06 26.45
C PRO B 59 -14.70 12.95 26.52
N ARG B 60 -15.02 11.77 25.98
CA ARG B 60 -14.06 10.69 25.99
C ARG B 60 -12.97 10.99 24.96
N PHE B 61 -13.35 11.61 23.84
CA PHE B 61 -12.30 11.99 22.85
C PHE B 61 -11.40 13.05 23.44
N GLU B 62 -11.99 14.02 24.14
CA GLU B 62 -11.20 15.03 24.87
C GLU B 62 -10.30 14.48 25.97
N GLN B 63 -10.83 13.53 26.75
CA GLN B 63 -9.96 12.78 27.65
C GLN B 63 -8.74 12.08 27.00
N LEU B 64 -8.96 11.46 25.84
CA LEU B 64 -7.90 10.82 25.12
C LEU B 64 -6.85 11.81 24.60
N LEU B 65 -7.30 12.85 23.89
CA LEU B 65 -6.37 13.65 23.03
C LEU B 65 -6.12 15.01 23.62
N GLY B 66 -7.06 15.52 24.42
CA GLY B 66 -6.84 16.80 25.07
C GLY B 66 -6.79 17.92 24.07
N GLY B 67 -6.03 18.97 24.39
CA GLY B 67 -6.06 20.12 23.54
C GLY B 67 -4.97 20.09 22.50
N GLY B 68 -4.22 19.01 22.44
CA GLY B 68 -3.29 18.79 21.32
C GLY B 68 -1.90 19.31 21.62
N SER B 69 -1.67 19.87 22.82
CA SER B 69 -0.38 20.57 23.01
C SER B 69 0.86 19.65 22.93
N GLU B 70 0.73 18.38 23.32
CA GLU B 70 1.84 17.41 23.22
C GLU B 70 2.28 17.23 21.81
N LEU B 71 1.34 17.38 20.89
CA LEU B 71 1.56 17.07 19.50
C LEU B 71 1.86 18.36 18.75
N GLY B 72 1.87 19.48 19.47
CA GLY B 72 2.10 20.79 18.86
C GLY B 72 0.95 21.36 18.03
N ILE B 73 -0.25 20.78 18.19
CA ILE B 73 -1.40 21.17 17.39
C ILE B 73 -2.50 21.69 18.32
N SER B 74 -3.58 22.19 17.73
CA SER B 74 -4.72 22.66 18.47
C SER B 74 -5.93 21.77 18.19
N LEU B 75 -6.43 21.14 19.23
CA LEU B 75 -7.65 20.36 19.14
C LEU B 75 -8.75 21.07 19.96
N SER B 76 -9.94 21.12 19.40
CA SER B 76 -11.10 21.55 20.15
C SER B 76 -12.25 20.62 19.84
N TYR B 77 -13.36 20.80 20.56
CA TYR B 77 -14.42 19.81 20.57
C TYR B 77 -15.80 20.45 20.38
N ALA B 78 -16.66 19.79 19.63
CA ALA B 78 -18.07 20.23 19.55
C ALA B 78 -19.00 19.00 19.45
N VAL B 79 -20.27 19.23 19.77
CA VAL B 79 -21.21 18.12 19.94
C VAL B 79 -22.20 18.12 18.79
N GLN B 80 -22.46 16.94 18.26
CA GLN B 80 -23.51 16.78 17.29
C GLN B 80 -24.63 16.12 18.04
N SER B 81 -25.75 16.84 18.17
CA SER B 81 -26.84 16.36 19.00
C SER B 81 -27.51 15.12 18.45
N SER B 82 -27.66 15.04 17.14
CA SER B 82 -28.02 13.80 16.51
C SER B 82 -27.48 13.70 15.08
N PRO B 83 -27.30 12.47 14.59
CA PRO B 83 -26.56 12.21 13.39
C PRO B 83 -27.36 12.53 12.12
N ASP B 84 -27.54 13.83 11.87
CA ASP B 84 -28.40 14.29 10.79
C ASP B 84 -27.73 14.52 9.44
N GLY B 85 -26.47 14.06 9.29
CA GLY B 85 -25.80 14.05 7.99
C GLY B 85 -24.40 14.63 8.12
N LEU B 86 -23.50 14.14 7.26
CA LEU B 86 -22.12 14.64 7.27
C LEU B 86 -22.02 16.15 7.08
N ALA B 87 -22.91 16.72 6.25
CA ALA B 87 -22.79 18.16 5.96
C ALA B 87 -23.07 19.01 7.20
N GLN B 88 -23.70 18.41 8.20
CA GLN B 88 -23.89 19.11 9.45
C GLN B 88 -22.58 19.53 10.10
N ALA B 89 -21.50 18.83 9.77
CA ALA B 89 -20.20 19.16 10.34
C ALA B 89 -19.86 20.65 10.11
N PHE B 90 -20.28 21.20 8.98
CA PHE B 90 -19.88 22.58 8.60
C PHE B 90 -20.83 23.59 9.23
N ILE B 91 -21.98 23.11 9.67
CA ILE B 91 -22.93 23.96 10.40
C ILE B 91 -22.53 24.05 11.88
N ILE B 92 -22.35 22.90 12.51
CA ILE B 92 -21.78 22.82 13.86
C ILE B 92 -20.41 23.54 13.86
N GLY B 93 -19.68 23.40 12.76
CA GLY B 93 -18.31 23.90 12.70
C GLY B 93 -18.16 25.33 12.18
N GLU B 94 -19.29 26.02 11.92
CA GLU B 94 -19.23 27.32 11.24
C GLU B 94 -18.32 28.32 11.97
N GLU B 95 -18.43 28.43 13.30
CA GLU B 95 -17.62 29.40 14.04
C GLU B 95 -16.17 29.05 13.98
N PHE B 96 -15.88 27.76 14.15
CA PHE B 96 -14.51 27.26 14.12
C PHE B 96 -13.86 27.53 12.75
N ILE B 97 -14.62 27.31 11.68
CA ILE B 97 -14.09 27.48 10.34
C ILE B 97 -13.77 28.95 10.06
N GLY B 98 -14.64 29.85 10.48
CA GLY B 98 -14.48 31.27 10.12
C GLY B 98 -14.38 31.45 8.61
N ASP B 99 -13.34 32.13 8.17
CA ASP B 99 -13.20 32.43 6.76
C ASP B 99 -12.27 31.48 6.05
N ASP B 100 -11.90 30.40 6.74
CA ASP B 100 -10.76 29.58 6.31
C ASP B 100 -11.23 28.40 5.43
N ASN B 101 -10.28 27.78 4.74
CA ASN B 101 -10.52 26.47 4.10
C ASN B 101 -10.56 25.40 5.19
N VAL B 102 -11.21 24.28 4.86
CA VAL B 102 -11.41 23.22 5.84
C VAL B 102 -11.54 21.85 5.21
N ALA B 103 -10.90 20.88 5.85
CA ALA B 103 -11.02 19.50 5.43
C ALA B 103 -11.86 18.76 6.44
N LEU B 104 -12.60 17.76 5.96
CA LEU B 104 -13.37 16.90 6.83
C LEU B 104 -12.93 15.49 6.64
N VAL B 105 -12.69 14.82 7.74
CA VAL B 105 -12.46 13.37 7.67
C VAL B 105 -13.37 12.63 8.64
N LEU B 106 -13.82 11.45 8.24
CA LEU B 106 -14.62 10.65 9.21
C LEU B 106 -13.69 9.97 10.22
N GLY B 107 -14.12 9.97 11.47
CA GLY B 107 -13.35 9.38 12.62
C GLY B 107 -13.13 7.89 12.45
N ASP B 108 -13.87 7.23 11.55
CA ASP B 108 -13.72 5.77 11.36
C ASP B 108 -13.06 5.37 10.10
N ASN B 109 -12.40 6.33 9.44
CA ASN B 109 -11.83 6.04 8.12
C ASN B 109 -10.33 5.81 8.30
N ILE B 110 -9.83 4.76 7.63
CA ILE B 110 -8.41 4.39 7.75
C ILE B 110 -7.83 4.32 6.34
N PHE B 111 -6.96 5.28 6.00
CA PHE B 111 -6.35 5.28 4.65
C PHE B 111 -4.90 4.85 4.82
N TYR B 112 -4.29 4.18 3.89
CA TYR B 112 -2.82 3.93 3.95
C TYR B 112 -2.34 3.63 2.57
N GLY B 113 -1.24 4.26 2.15
CA GLY B 113 -0.62 3.85 0.89
C GLY B 113 0.52 4.76 0.48
N HIS B 114 1.32 4.25 -0.42
CA HIS B 114 2.43 5.00 -0.96
C HIS B 114 1.96 6.18 -1.77
N GLY B 115 2.65 7.33 -1.57
CA GLY B 115 2.32 8.52 -2.33
C GLY B 115 1.10 9.28 -1.79
N PHE B 116 0.64 8.90 -0.59
CA PHE B 116 -0.56 9.57 -0.08
C PHE B 116 -0.28 10.98 0.38
N THR B 117 0.85 11.20 1.05
CA THR B 117 1.07 12.52 1.65
C THR B 117 1.16 13.59 0.57
N GLU B 118 1.67 13.23 -0.61
CA GLU B 118 1.77 14.20 -1.74
C GLU B 118 0.35 14.65 -2.12
N LEU B 119 -0.59 13.70 -2.14
CA LEU B 119 -1.96 14.03 -2.50
C LEU B 119 -2.62 14.89 -1.43
N LEU B 120 -2.36 14.56 -0.16
CA LEU B 120 -2.88 15.32 0.98
C LEU B 120 -2.39 16.75 0.97
N GLN B 121 -1.09 16.92 0.73
CA GLN B 121 -0.52 18.25 0.72
C GLN B 121 -1.07 19.08 -0.41
N ARG B 122 -1.20 18.47 -1.56
CA ARG B 122 -1.71 19.16 -2.74
C ARG B 122 -3.15 19.65 -2.49
N ALA B 123 -3.98 18.79 -1.93
CA ALA B 123 -5.35 19.15 -1.58
C ALA B 123 -5.41 20.28 -0.56
N ALA B 124 -4.60 20.18 0.50
CA ALA B 124 -4.63 21.14 1.55
C ALA B 124 -4.17 22.51 1.07
N ASN B 125 -3.32 22.51 0.06
CA ASN B 125 -2.76 23.77 -0.48
C ASN B 125 -3.48 24.41 -1.65
N ARG B 126 -4.57 23.79 -2.11
CA ARG B 126 -5.40 24.43 -3.15
C ARG B 126 -5.93 25.75 -2.63
N LYS B 127 -5.88 26.80 -3.44
CA LYS B 127 -6.41 28.08 -3.00
C LYS B 127 -7.94 28.08 -3.16
N SER B 128 -8.45 27.28 -4.10
CA SER B 128 -9.90 27.15 -4.25
C SER B 128 -10.37 25.81 -4.81
N GLY B 129 -11.67 25.59 -4.66
CA GLY B 129 -12.35 24.36 -5.13
C GLY B 129 -12.43 23.31 -4.00
N ALA B 130 -12.56 22.06 -4.41
CA ALA B 130 -12.71 20.94 -3.46
C ALA B 130 -11.97 19.75 -4.01
N THR B 131 -11.46 18.91 -3.09
CA THR B 131 -10.85 17.67 -3.48
C THR B 131 -11.54 16.53 -2.73
N ILE B 132 -11.89 15.51 -3.51
CA ILE B 132 -12.41 14.24 -2.96
C ILE B 132 -11.58 13.12 -3.46
N PHE B 133 -11.74 11.97 -2.81
CA PHE B 133 -10.91 10.80 -3.06
C PHE B 133 -11.80 9.62 -3.37
N GLY B 134 -11.58 9.00 -4.54
CA GLY B 134 -12.39 7.86 -5.00
C GLY B 134 -11.60 6.58 -4.81
N TYR B 135 -12.31 5.48 -4.57
CA TYR B 135 -11.64 4.21 -4.30
C TYR B 135 -12.51 3.09 -4.85
N ASN B 136 -11.89 2.11 -5.51
CA ASN B 136 -12.66 0.99 -6.09
C ASN B 136 -13.11 0.04 -4.96
N VAL B 137 -14.41 -0.09 -4.82
CA VAL B 137 -15.02 -0.98 -3.80
C VAL B 137 -15.90 -2.03 -4.42
N LYS B 138 -16.03 -3.13 -3.69
CA LYS B 138 -16.85 -4.27 -4.06
C LYS B 138 -18.31 -3.89 -4.29
N ASP B 139 -18.83 -3.07 -3.39
CA ASP B 139 -20.27 -2.77 -3.37
C ASP B 139 -20.51 -1.27 -3.37
N PRO B 140 -20.26 -0.61 -4.51
CA PRO B 140 -20.26 0.84 -4.60
C PRO B 140 -21.64 1.43 -4.31
N GLN B 141 -22.68 0.63 -4.51
CA GLN B 141 -24.06 1.07 -4.27
C GLN B 141 -24.30 1.41 -2.80
N ARG B 142 -23.37 1.01 -1.93
CA ARG B 142 -23.43 1.38 -0.52
C ARG B 142 -22.87 2.77 -0.16
N PHE B 143 -22.34 3.47 -1.16
CA PHE B 143 -21.54 4.69 -0.92
C PHE B 143 -22.02 5.82 -1.84
N GLY B 144 -21.45 7.02 -1.65
CA GLY B 144 -21.46 7.99 -2.75
C GLY B 144 -20.58 7.46 -3.84
N VAL B 145 -21.05 7.59 -5.08
CA VAL B 145 -20.36 7.02 -6.22
C VAL B 145 -20.00 8.07 -7.23
N VAL B 146 -18.75 8.07 -7.65
CA VAL B 146 -18.29 9.13 -8.52
C VAL B 146 -17.98 8.56 -9.85
N GLU B 147 -18.70 9.09 -10.85
CA GLU B 147 -18.56 8.67 -12.23
C GLU B 147 -17.64 9.57 -13.03
N PHE B 148 -16.97 8.95 -14.01
CA PHE B 148 -16.29 9.66 -15.10
C PHE B 148 -16.95 9.43 -16.47
N ASP B 149 -16.46 10.14 -17.49
CA ASP B 149 -16.93 9.97 -18.87
C ASP B 149 -15.92 9.20 -19.70
N GLU B 150 -16.37 8.70 -20.85
CA GLU B 150 -15.56 7.82 -21.68
C GLU B 150 -14.24 8.45 -22.12
N LYS B 151 -14.05 9.73 -21.76
CA LYS B 151 -12.73 10.34 -21.74
C LYS B 151 -12.02 10.08 -20.40
N GLY B 152 -12.61 10.55 -19.32
CA GLY B 152 -12.34 10.02 -17.99
C GLY B 152 -12.20 11.06 -16.90
N LYS B 153 -13.16 11.98 -16.82
CA LYS B 153 -13.19 12.94 -15.70
C LYS B 153 -14.57 13.04 -15.04
N VAL B 154 -14.60 13.54 -13.79
CA VAL B 154 -15.82 13.57 -12.97
C VAL B 154 -16.97 14.22 -13.73
N ILE B 155 -18.06 13.47 -13.91
CA ILE B 155 -19.23 14.01 -14.55
C ILE B 155 -20.49 13.91 -13.70
N SER B 156 -20.49 13.01 -12.71
CA SER B 156 -21.58 12.97 -11.72
C SER B 156 -21.17 12.34 -10.39
N ILE B 157 -21.96 12.64 -9.35
CA ILE B 157 -21.86 11.96 -8.08
C ILE B 157 -23.23 11.62 -7.54
N GLU B 158 -23.41 10.37 -7.13
CA GLU B 158 -24.71 9.93 -6.66
C GLU B 158 -24.59 9.19 -5.35
N GLU B 159 -25.53 9.43 -4.46
CA GLU B 159 -25.45 8.84 -3.15
C GLU B 159 -26.22 7.54 -3.11
N LYS B 160 -25.50 6.43 -2.95
CA LYS B 160 -26.14 5.12 -2.90
C LYS B 160 -27.04 4.79 -4.08
N PRO B 161 -26.50 4.87 -5.29
CA PRO B 161 -27.30 4.63 -6.47
C PRO B 161 -27.76 3.17 -6.52
N GLU B 162 -28.99 2.93 -6.99
CA GLU B 162 -29.42 1.55 -7.23
C GLU B 162 -28.56 0.92 -8.34
N GLU B 163 -28.21 1.73 -9.31
CA GLU B 163 -27.44 1.28 -10.45
C GLU B 163 -26.17 2.14 -10.52
N PRO B 164 -25.10 1.71 -9.83
CA PRO B 164 -23.92 2.58 -9.79
C PRO B 164 -23.32 2.79 -11.17
N LYS B 165 -22.89 4.01 -11.46
CA LYS B 165 -22.34 4.35 -12.75
C LYS B 165 -20.85 4.05 -12.85
N SER B 166 -20.23 3.75 -11.71
CA SER B 166 -18.84 3.24 -11.66
C SER B 166 -18.63 2.37 -10.43
N SER B 167 -17.41 1.90 -10.23
CA SER B 167 -17.16 1.13 -9.03
C SER B 167 -16.43 1.97 -7.98
N TYR B 168 -16.39 3.28 -8.22
CA TYR B 168 -15.62 4.21 -7.36
C TYR B 168 -16.47 4.87 -6.29
N ALA B 169 -16.24 4.47 -5.04
CA ALA B 169 -16.84 5.10 -3.89
C ALA B 169 -16.10 6.39 -3.60
N VAL B 170 -16.85 7.38 -3.18
CA VAL B 170 -16.27 8.61 -2.58
C VAL B 170 -15.98 8.36 -1.09
N THR B 171 -14.68 8.27 -0.78
CA THR B 171 -14.27 8.00 0.61
C THR B 171 -14.52 9.16 1.59
N GLY B 172 -14.34 8.89 2.89
CA GLY B 172 -14.66 9.85 3.97
C GLY B 172 -13.56 10.86 4.26
N LEU B 173 -13.02 11.44 3.19
CA LEU B 173 -11.96 12.47 3.32
C LEU B 173 -12.21 13.51 2.26
N TYR B 174 -12.41 14.75 2.72
CA TYR B 174 -12.83 15.83 1.81
C TYR B 174 -12.11 17.13 2.12
N PHE B 175 -11.59 17.82 1.09
CA PHE B 175 -10.99 19.12 1.27
C PHE B 175 -11.82 20.18 0.55
N TYR B 176 -12.11 21.24 1.31
CA TYR B 176 -13.00 22.32 0.79
C TYR B 176 -12.42 23.69 0.99
N ASP B 177 -12.78 24.58 0.08
CA ASP B 177 -12.57 26.00 0.35
C ASP B 177 -13.75 26.55 1.17
N ASN B 178 -13.68 27.85 1.49
CA ASN B 178 -14.61 28.40 2.45
C ASN B 178 -16.08 28.45 1.95
N ARG B 179 -16.31 28.18 0.65
CA ARG B 179 -17.70 28.19 0.14
C ARG B 179 -18.51 27.08 0.78
N VAL B 180 -17.82 26.08 1.33
CA VAL B 180 -18.56 24.91 1.85
C VAL B 180 -19.51 25.32 2.99
N VAL B 181 -19.17 26.35 3.77
CA VAL B 181 -20.03 26.75 4.90
C VAL B 181 -21.44 27.17 4.39
N ASP B 182 -21.47 28.07 3.41
CA ASP B 182 -22.77 28.47 2.85
C ASP B 182 -23.46 27.43 1.99
N ILE B 183 -22.69 26.60 1.28
CA ILE B 183 -23.25 25.44 0.64
C ILE B 183 -24.02 24.56 1.61
N ALA B 184 -23.40 24.26 2.74
CA ALA B 184 -23.98 23.38 3.74
C ALA B 184 -25.27 23.95 4.27
N LYS B 185 -25.24 25.24 4.57
CA LYS B 185 -26.43 25.95 5.05
C LYS B 185 -27.64 25.84 4.10
N ASN B 186 -27.39 25.56 2.83
CA ASN B 186 -28.46 25.54 1.84
C ASN B 186 -28.88 24.15 1.39
N ILE B 187 -28.23 23.12 1.95
CA ILE B 187 -28.59 21.75 1.63
C ILE B 187 -29.98 21.36 2.16
N THR B 188 -30.71 20.61 1.33
CA THR B 188 -32.08 20.12 1.59
C THR B 188 -31.94 18.69 2.15
N PRO B 189 -32.63 18.35 3.26
CA PRO B 189 -32.69 16.94 3.69
C PRO B 189 -33.07 15.97 2.61
N SER B 190 -32.31 14.88 2.52
CA SER B 190 -32.39 14.00 1.39
C SER B 190 -33.53 13.01 1.60
N ALA B 191 -33.62 12.04 0.70
CA ALA B 191 -34.61 10.97 0.82
C ALA B 191 -34.42 10.17 2.12
N ARG B 192 -33.20 10.22 2.69
CA ARG B 192 -32.92 9.57 3.98
C ARG B 192 -33.03 10.53 5.16
N GLY B 193 -33.43 11.76 4.89
CA GLY B 193 -33.65 12.73 5.97
C GLY B 193 -32.37 13.40 6.44
N GLU B 194 -31.31 13.29 5.63
CA GLU B 194 -29.96 13.76 6.07
C GLU B 194 -29.45 14.90 5.23
N LEU B 195 -28.51 15.65 5.79
CA LEU B 195 -27.85 16.69 5.03
C LEU B 195 -26.59 16.04 4.49
N GLU B 196 -26.62 15.72 3.21
CA GLU B 196 -25.63 14.73 2.67
C GLU B 196 -24.38 15.42 2.15
N ILE B 197 -23.24 14.82 2.41
CA ILE B 197 -22.01 15.31 1.80
C ILE B 197 -21.97 15.23 0.30
N THR B 198 -22.75 14.31 -0.30
CA THR B 198 -22.79 14.20 -1.75
C THR B 198 -23.35 15.49 -2.35
N ASP B 199 -24.26 16.10 -1.61
CA ASP B 199 -24.84 17.37 -2.07
C ASP B 199 -23.82 18.52 -2.05
N VAL B 200 -22.90 18.47 -1.08
CA VAL B 200 -21.76 19.45 -1.08
C VAL B 200 -20.88 19.16 -2.28
N ASN B 201 -20.52 17.89 -2.48
CA ASN B 201 -19.69 17.58 -3.63
C ASN B 201 -20.31 17.91 -5.01
N LYS B 202 -21.61 17.64 -5.15
CA LYS B 202 -22.37 18.01 -6.36
C LYS B 202 -22.29 19.52 -6.56
N ALA B 203 -22.37 20.28 -5.48
CA ALA B 203 -22.24 21.75 -5.58
C ALA B 203 -20.90 22.18 -6.17
N TYR B 204 -19.80 21.61 -5.71
CA TYR B 204 -18.56 21.96 -6.36
C TYR B 204 -18.46 21.44 -7.79
N LEU B 205 -19.07 20.28 -8.07
CA LEU B 205 -19.08 19.74 -9.40
C LEU B 205 -19.78 20.75 -10.33
N GLU B 206 -20.89 21.30 -9.86
CA GLU B 206 -21.65 22.29 -10.67
C GLU B 206 -20.89 23.59 -10.86
N LEU B 207 -19.99 23.89 -9.92
CA LEU B 207 -19.13 25.06 -10.02
C LEU B 207 -17.97 24.83 -11.01
N GLY B 208 -17.77 23.57 -11.39
CA GLY B 208 -16.65 23.19 -12.22
C GLY B 208 -15.35 23.17 -11.45
N GLU B 209 -15.43 23.02 -10.14
CA GLU B 209 -14.26 23.16 -9.32
C GLU B 209 -14.10 21.99 -8.37
N LEU B 210 -14.53 20.82 -8.80
CA LEU B 210 -14.31 19.58 -8.01
C LEU B 210 -13.14 18.83 -8.57
N HIS B 211 -12.17 18.49 -7.70
CA HIS B 211 -11.00 17.71 -8.11
C HIS B 211 -11.14 16.35 -7.47
N VAL B 212 -10.93 15.29 -8.24
CA VAL B 212 -11.02 13.93 -7.64
C VAL B 212 -9.70 13.20 -7.77
N GLU B 213 -9.21 12.71 -6.66
CA GLU B 213 -8.02 11.89 -6.69
C GLU B 213 -8.54 10.47 -6.65
N LEU B 214 -8.21 9.70 -7.67
CA LEU B 214 -8.64 8.32 -7.69
C LEU B 214 -7.54 7.51 -7.03
N LEU B 215 -7.84 6.92 -5.87
CA LEU B 215 -6.86 6.13 -5.15
C LEU B 215 -6.92 4.74 -5.75
N GLY B 216 -5.82 4.29 -6.36
CA GLY B 216 -5.83 3.05 -7.13
C GLY B 216 -5.74 1.83 -6.23
N ARG B 217 -5.59 0.64 -6.85
CA ARG B 217 -5.77 -0.60 -6.12
C ARG B 217 -4.59 -0.86 -5.14
N GLY B 218 -3.51 -0.11 -5.30
CA GLY B 218 -2.37 -0.25 -4.36
C GLY B 218 -2.57 0.48 -3.05
N PHE B 219 -3.66 1.23 -2.97
CA PHE B 219 -3.99 1.95 -1.81
C PHE B 219 -4.92 1.12 -0.95
N ALA B 220 -4.84 1.32 0.37
CA ALA B 220 -5.77 0.69 1.31
C ALA B 220 -6.71 1.71 1.89
N TRP B 221 -8.00 1.40 1.85
CA TRP B 221 -9.01 2.22 2.52
C TRP B 221 -9.91 1.28 3.31
N LEU B 222 -9.63 1.13 4.60
CA LEU B 222 -10.02 -0.12 5.32
C LEU B 222 -11.45 0.02 5.86
N ASP B 223 -12.16 -1.08 5.91
CA ASP B 223 -13.54 -1.11 6.41
C ASP B 223 -13.51 -1.24 7.91
N THR B 224 -14.11 -0.29 8.64
CA THR B 224 -14.26 -0.49 10.09
C THR B 224 -15.72 -0.63 10.48
N GLY B 225 -16.54 -1.08 9.55
CA GLY B 225 -18.01 -1.07 9.76
C GLY B 225 -18.56 -2.29 10.47
N THR B 226 -17.82 -3.40 10.45
CA THR B 226 -18.22 -4.67 11.11
C THR B 226 -17.15 -5.25 12.03
N HIS B 227 -17.54 -6.19 12.89
CA HIS B 227 -16.56 -6.91 13.72
C HIS B 227 -15.50 -7.62 12.89
N GLU B 228 -15.94 -8.22 11.78
CA GLU B 228 -15.05 -8.98 10.90
C GLU B 228 -14.02 -7.99 10.26
N SER B 229 -14.53 -6.87 9.82
CA SER B 229 -13.69 -5.94 9.05
C SER B 229 -12.81 -5.10 9.96
N LEU B 230 -13.27 -4.86 11.18
CA LEU B 230 -12.40 -4.26 12.19
C LEU B 230 -11.19 -5.15 12.52
N LEU B 231 -11.41 -6.46 12.64
CA LEU B 231 -10.35 -7.40 12.89
C LEU B 231 -9.37 -7.43 11.71
N GLN B 232 -9.90 -7.40 10.51
CA GLN B 232 -9.06 -7.43 9.30
C GLN B 232 -8.21 -6.17 9.22
N ALA B 233 -8.81 -5.03 9.57
CA ALA B 233 -8.03 -3.75 9.58
C ALA B 233 -6.88 -3.83 10.59
N SER B 234 -7.15 -4.42 11.74
CA SER B 234 -6.16 -4.60 12.77
C SER B 234 -5.04 -5.50 12.27
N GLN B 235 -5.39 -6.60 11.61
CA GLN B 235 -4.32 -7.44 11.04
C GLN B 235 -3.52 -6.77 9.92
N PHE B 236 -4.18 -5.98 9.06
CA PHE B 236 -3.50 -5.21 8.01
C PHE B 236 -2.43 -4.33 8.66
N ILE B 237 -2.83 -3.50 9.64
CA ILE B 237 -1.88 -2.64 10.33
C ILE B 237 -0.76 -3.48 11.00
N GLU B 238 -1.10 -4.60 11.66
CA GLU B 238 -0.05 -5.35 12.37
C GLU B 238 1.01 -5.87 11.36
N THR B 239 0.53 -6.28 10.22
CA THR B 239 1.39 -6.81 9.13
C THR B 239 2.33 -5.77 8.63
N ILE B 240 1.83 -4.56 8.46
CA ILE B 240 2.75 -3.47 8.00
C ILE B 240 3.76 -3.14 9.10
N GLU B 241 3.28 -3.05 10.33
CA GLU B 241 4.15 -2.68 11.43
C GLU B 241 5.12 -3.86 11.80
N LYS B 242 4.72 -5.11 11.55
CA LYS B 242 5.58 -6.30 11.83
C LYS B 242 6.75 -6.26 10.89
N ARG B 243 6.48 -5.84 9.66
CA ARG B 243 7.50 -5.95 8.64
C ARG B 243 8.50 -4.81 8.75
N GLN B 244 8.00 -3.60 8.94
CA GLN B 244 8.81 -2.40 8.77
C GLN B 244 9.32 -1.96 10.12
N SER B 245 10.29 -1.08 10.17
CA SER B 245 10.57 -0.52 11.53
C SER B 245 9.69 0.71 11.77
N LEU B 246 8.97 1.12 10.76
CA LEU B 246 8.06 2.29 10.84
C LEU B 246 6.68 1.94 11.35
N LYS B 247 6.02 2.89 12.05
CA LYS B 247 4.65 2.77 12.57
C LYS B 247 3.63 3.52 11.69
N VAL B 248 2.40 3.03 11.68
CA VAL B 248 1.28 3.77 11.06
C VAL B 248 0.54 4.62 12.06
N ALA B 249 0.37 5.93 11.77
CA ALA B 249 -0.44 6.81 12.64
C ALA B 249 0.09 6.98 14.05
N CYS B 250 1.43 6.99 14.15
CA CYS B 250 2.11 7.32 15.40
C CYS B 250 2.14 8.85 15.47
N LEU B 251 1.22 9.41 16.27
CA LEU B 251 0.89 10.85 16.23
C LEU B 251 2.12 11.69 16.61
N GLU B 252 2.89 11.18 17.57
CA GLU B 252 4.06 11.93 18.03
C GLU B 252 5.14 11.96 16.98
N GLU B 253 5.33 10.84 16.26
CA GLU B 253 6.27 10.79 15.14
C GLU B 253 5.83 11.81 14.09
N ILE B 254 4.53 11.81 13.78
CA ILE B 254 4.03 12.69 12.76
C ILE B 254 4.20 14.16 13.17
N ALA B 255 3.90 14.46 14.42
CA ALA B 255 4.13 15.87 14.92
C ALA B 255 5.55 16.31 14.68
N TYR B 256 6.52 15.40 14.91
CA TYR B 256 7.90 15.78 14.70
C TYR B 256 8.23 15.92 13.21
N ARG B 257 7.74 14.98 12.39
CA ARG B 257 8.04 15.00 10.98
C ARG B 257 7.44 16.24 10.32
N MET B 258 6.29 16.70 10.82
CA MET B 258 5.63 17.88 10.23
C MET B 258 6.16 19.20 10.77
N GLY B 259 7.07 19.10 11.73
CA GLY B 259 7.59 20.35 12.33
C GLY B 259 6.71 20.97 13.37
N TYR B 260 5.65 20.26 13.82
CA TYR B 260 4.82 20.85 14.87
C TYR B 260 5.46 20.86 16.23
N ILE B 261 6.34 19.89 16.47
CA ILE B 261 7.15 19.83 17.68
C ILE B 261 8.62 19.71 17.30
N SER B 262 9.49 20.13 18.22
CA SER B 262 10.93 20.04 18.03
C SER B 262 11.49 18.67 18.40
N ARG B 263 12.75 18.48 18.10
CA ARG B 263 13.47 17.28 18.50
C ARG B 263 13.44 17.20 20.01
N GLU B 264 13.78 18.31 20.71
CA GLU B 264 13.77 18.23 22.18
C GLU B 264 12.39 17.85 22.76
N GLN B 265 11.34 18.41 22.19
CA GLN B 265 10.00 18.12 22.66
C GLN B 265 9.66 16.63 22.42
N LEU B 266 10.14 16.06 21.32
CA LEU B 266 9.86 14.63 21.03
C LEU B 266 10.62 13.75 22.04
N ILE B 267 11.86 14.12 22.34
CA ILE B 267 12.61 13.43 23.45
C ILE B 267 11.86 13.46 24.77
N LYS B 268 11.25 14.60 25.10
CA LYS B 268 10.51 14.70 26.30
C LYS B 268 9.25 13.88 26.27
N LEU B 269 8.65 13.69 25.08
CA LEU B 269 7.50 12.76 25.02
C LEU B 269 7.93 11.31 25.24
N ALA B 270 9.10 10.98 24.72
CA ALA B 270 9.60 9.59 24.72
C ALA B 270 10.01 9.19 26.13
N GLU B 271 10.66 10.12 26.85
CA GLU B 271 11.19 9.83 28.20
C GLU B 271 10.30 9.03 29.18
N PRO B 272 9.07 9.51 29.46
CA PRO B 272 8.25 8.74 30.40
C PRO B 272 7.72 7.42 29.82
N LEU B 273 7.96 7.20 28.52
CA LEU B 273 7.46 5.97 27.88
C LEU B 273 8.55 4.95 27.55
N MET B 274 9.75 5.14 28.09
CA MET B 274 10.93 4.41 27.66
C MET B 274 10.96 2.94 28.12
N LYS B 275 10.01 2.58 28.95
CA LYS B 275 9.88 1.19 29.36
C LYS B 275 9.19 0.38 28.29
N ASN B 276 8.47 1.06 27.38
CA ASN B 276 7.75 0.34 26.34
C ASN B 276 8.30 0.63 24.94
N GLU B 277 7.97 -0.25 23.99
CA GLU B 277 8.55 -0.16 22.64
C GLU B 277 8.11 1.12 21.95
N TYR B 278 6.93 1.62 22.32
CA TYR B 278 6.38 2.88 21.72
C TYR B 278 7.30 4.05 22.05
N GLY B 279 7.70 4.14 23.32
CA GLY B 279 8.65 5.18 23.73
C GLY B 279 10.02 5.01 23.09
N GLN B 280 10.52 3.77 23.09
CA GLN B 280 11.78 3.50 22.45
C GLN B 280 11.77 3.93 20.97
N TYR B 281 10.64 3.72 20.30
CA TYR B 281 10.53 4.08 18.90
C TYR B 281 10.70 5.61 18.74
N LEU B 282 9.97 6.34 19.57
CA LEU B 282 10.03 7.83 19.56
C LEU B 282 11.45 8.34 19.87
N MET B 283 12.11 7.73 20.87
CA MET B 283 13.49 8.13 21.18
C MET B 283 14.50 7.89 20.05
N ASN B 284 14.40 6.72 19.41
CA ASN B 284 15.25 6.38 18.30
C ASN B 284 15.04 7.35 17.17
N LEU B 285 13.76 7.67 16.91
CA LEU B 285 13.45 8.66 15.91
C LEU B 285 14.12 10.01 16.21
N ALA B 286 13.95 10.49 17.42
CA ALA B 286 14.48 11.80 17.81
C ALA B 286 15.98 11.85 17.54
N HIS B 287 16.64 10.72 17.77
CA HIS B 287 18.08 10.67 17.61
C HIS B 287 18.66 10.38 16.23
N ARG B 288 17.82 10.03 15.25
CA ARG B 288 18.32 9.77 13.89
C ARG B 288 18.70 11.07 13.16
N SER B 289 19.62 10.94 12.21
CA SER B 289 20.03 12.08 11.37
C SER B 289 18.87 12.47 10.49
N LYS B 290 18.64 13.77 10.34
CA LYS B 290 17.39 14.23 9.74
C LYS B 290 17.29 14.02 8.23
N ASP B 291 18.42 14.14 7.54
CA ASP B 291 18.41 13.93 6.09
C ASP B 291 17.86 12.54 5.71
N LEU B 292 18.27 11.51 6.46
CA LEU B 292 17.69 10.17 6.20
C LEU B 292 16.28 9.95 6.75
N VAL B 293 15.92 10.62 7.86
CA VAL B 293 14.52 10.66 8.30
C VAL B 293 13.58 11.17 7.20
N THR B 294 14.02 12.22 6.50
CA THR B 294 13.15 12.89 5.55
C THR B 294 12.86 12.02 4.33
N VAL B 295 13.70 11.02 4.09
CA VAL B 295 13.45 10.04 3.03
C VAL B 295 12.08 9.38 3.18
N GLU B 296 11.63 9.26 4.43
CA GLU B 296 10.43 8.50 4.78
C GLU B 296 9.21 9.39 5.10
N GLY B 297 9.34 10.69 4.89
CA GLY B 297 8.29 11.65 5.29
C GLY B 297 8.69 12.90 6.11
#